data_5YS5
#
_entry.id   5YS5
#
_cell.length_a   62.568
_cell.length_b   50.632
_cell.length_c   66.623
_cell.angle_alpha   90.00
_cell.angle_beta   93.91
_cell.angle_gamma   90.00
#
_symmetry.space_group_name_H-M   'P 1 21 1'
#
loop_
_entity.id
_entity.type
_entity.pdbx_description
1 polymer 'Blue copper oxidase CueO'
2 non-polymer 'COPPER (II) ION'
3 water water
#
_entity_poly.entity_id   1
_entity_poly.type   'polypeptide(L)'
_entity_poly.pdbx_seq_one_letter_code
;MQRRDFLKYSVALGVASALPLWSRAVFAAERPTLPIPDLLTTDARNRIQLTIGAGQSTFGGKTATTWGYNGNLLGPAVKL
QRGKAVTVDIYNQLTEETTLHWHGLEVPGEVDGGPQGIIPPGGKRSVTLNVDQPAATCWFHPHQHGKTGRQVAMGLAGLV
VIEDDEILKLMLPKQWGIDDVPVIVQDKKFSADGQIDYQLDVMTAAVGWFGDTLLTNGAIYPQHAAPRGWLRLRLLNGCN
ARSLNFATSDNRPLYVIASDGGLLPEPVKVSELPVLMGERFEVLVEVNDNKPFDLVTLPVSQMKMAIAPFDKPHPVMRIQ
PIAISASGALPDTLSSLPALPSLEGLTVRKLQLSMDPMLDMMGMQMLMEKYGDQAMAGMDHSQMMGHMGHGNMNHMNHGG
KFDFHHANKINGQAFDMNKPMFAAAKGQYERWVISGVGDMMLHPFHIHGTQFRILSENGKPPAAHRAGWKDTVKVEGNVS
EVLVKFNHDAPKEHAYMAHCHLLEHEDTGMMLGFTV
;
_entity_poly.pdbx_strand_id   A
#
loop_
_chem_comp.id
_chem_comp.type
_chem_comp.name
_chem_comp.formula
CU non-polymer 'COPPER (II) ION' 'Cu 2'
#
# COMPACT_ATOMS: atom_id res chain seq x y z
N ARG A 31 -11.41 18.77 -16.97
CA ARG A 31 -10.91 17.50 -16.42
C ARG A 31 -12.04 16.55 -16.05
N PRO A 32 -11.82 15.25 -16.23
CA PRO A 32 -12.80 14.28 -15.73
C PRO A 32 -12.94 14.41 -14.22
N THR A 33 -14.10 14.00 -13.72
CA THR A 33 -14.29 14.06 -12.28
C THR A 33 -13.65 12.84 -11.62
N LEU A 34 -13.19 13.03 -10.40
CA LEU A 34 -12.52 11.95 -9.68
C LEU A 34 -13.47 10.79 -9.45
N PRO A 35 -13.17 9.60 -9.96
CA PRO A 35 -14.02 8.44 -9.65
C PRO A 35 -13.94 8.10 -8.17
N ILE A 36 -15.06 7.62 -7.63
CA ILE A 36 -15.17 7.35 -6.19
C ILE A 36 -15.55 5.90 -5.97
N PRO A 37 -14.67 5.09 -5.36
CA PRO A 37 -15.01 3.68 -5.11
C PRO A 37 -16.25 3.54 -4.23
N ASP A 38 -17.07 2.54 -4.58
CA ASP A 38 -18.22 2.18 -3.76
C ASP A 38 -17.78 1.86 -2.34
N LEU A 39 -18.54 2.36 -1.37
CA LEU A 39 -18.30 2.03 0.04
C LEU A 39 -19.20 0.87 0.41
N LEU A 40 -18.64 -0.34 0.41
CA LEU A 40 -19.43 -1.55 0.59
C LEU A 40 -19.55 -1.91 2.07
N THR A 41 -20.77 -2.19 2.50
CA THR A 41 -21.07 -2.75 3.81
C THR A 41 -21.69 -4.13 3.62
N THR A 42 -21.92 -4.83 4.74
CA THR A 42 -22.56 -6.13 4.66
C THR A 42 -23.97 -6.01 4.11
N ASP A 43 -24.45 -7.08 3.47
CA ASP A 43 -25.86 -7.14 3.08
C ASP A 43 -26.70 -7.62 4.25
N ALA A 44 -27.85 -8.22 3.97
CA ALA A 44 -28.73 -8.69 5.03
C ALA A 44 -28.20 -9.96 5.68
N ARG A 45 -27.40 -10.75 4.95
CA ARG A 45 -26.85 -12.00 5.45
C ARG A 45 -25.43 -11.86 5.98
N ASN A 46 -25.02 -10.64 6.34
CA ASN A 46 -23.68 -10.35 6.85
C ASN A 46 -22.58 -10.74 5.86
N ARG A 47 -22.84 -10.59 4.56
CA ARG A 47 -21.88 -11.01 3.55
C ARG A 47 -21.56 -9.86 2.62
N ILE A 48 -20.32 -9.83 2.15
CA ILE A 48 -19.89 -8.90 1.12
C ILE A 48 -19.38 -9.73 -0.06
N GLN A 49 -19.77 -9.34 -1.26
CA GLN A 49 -19.48 -10.09 -2.48
C GLN A 49 -18.42 -9.35 -3.27
N LEU A 50 -17.29 -10.00 -3.49
CA LEU A 50 -16.25 -9.48 -4.37
C LEU A 50 -16.14 -10.38 -5.59
N THR A 51 -16.22 -9.78 -6.77
CA THR A 51 -16.07 -10.50 -8.02
C THR A 51 -14.80 -10.03 -8.71
N ILE A 52 -13.88 -10.96 -8.95
CA ILE A 52 -12.65 -10.68 -9.68
C ILE A 52 -12.92 -10.96 -11.16
N GLY A 53 -12.86 -9.92 -12.00
CA GLY A 53 -13.22 -10.09 -13.39
C GLY A 53 -12.44 -9.17 -14.31
N ALA A 54 -12.30 -9.60 -15.56
CA ALA A 54 -11.68 -8.79 -16.60
C ALA A 54 -12.72 -7.92 -17.30
N GLY A 55 -12.25 -6.81 -17.86
CA GLY A 55 -13.15 -5.88 -18.50
C GLY A 55 -12.38 -4.89 -19.35
N GLN A 56 -13.00 -3.76 -19.64
CA GLN A 56 -12.40 -2.75 -20.49
C GLN A 56 -12.44 -1.39 -19.81
N SER A 57 -11.31 -0.69 -19.86
CA SER A 57 -11.21 0.69 -19.40
C SER A 57 -10.62 1.53 -20.53
N THR A 58 -10.74 2.86 -20.39
CA THR A 58 -10.28 3.79 -21.40
C THR A 58 -9.38 4.85 -20.76
N PHE A 59 -8.18 5.01 -21.31
CA PHE A 59 -7.20 5.96 -20.81
C PHE A 59 -6.75 6.87 -21.95
N GLY A 60 -6.97 8.18 -21.79
CA GLY A 60 -6.55 9.12 -22.80
C GLY A 60 -7.13 8.90 -24.16
N GLY A 61 -8.28 8.22 -24.26
CA GLY A 61 -8.97 7.99 -25.50
C GLY A 61 -8.94 6.55 -25.97
N LYS A 62 -7.88 5.82 -25.67
CA LYS A 62 -7.71 4.45 -26.15
C LYS A 62 -8.16 3.43 -25.11
N THR A 63 -8.72 2.34 -25.60
CA THR A 63 -9.27 1.30 -24.75
C THR A 63 -8.16 0.38 -24.25
N ALA A 64 -8.44 -0.31 -23.14
CA ALA A 64 -7.46 -1.20 -22.54
C ALA A 64 -8.17 -2.27 -21.75
N THR A 65 -7.70 -3.50 -21.89
CA THR A 65 -8.23 -4.60 -21.09
C THR A 65 -7.69 -4.50 -19.67
N THR A 66 -8.59 -4.28 -18.71
CA THR A 66 -8.24 -4.09 -17.31
C THR A 66 -8.90 -5.15 -16.45
N TRP A 67 -8.38 -5.30 -15.23
CA TRP A 67 -8.99 -6.16 -14.22
C TRP A 67 -9.47 -5.31 -13.05
N GLY A 68 -10.58 -5.74 -12.43
CA GLY A 68 -11.12 -5.04 -11.29
C GLY A 68 -11.85 -5.98 -10.37
N TYR A 69 -12.12 -5.49 -9.15
CA TYR A 69 -13.04 -6.13 -8.24
C TYR A 69 -14.39 -5.45 -8.36
N ASN A 70 -15.44 -6.22 -8.60
CA ASN A 70 -16.79 -5.72 -8.91
C ASN A 70 -16.74 -4.58 -9.92
N GLY A 71 -16.11 -4.83 -11.05
CA GLY A 71 -15.96 -3.81 -12.06
C GLY A 71 -14.72 -4.07 -12.89
N ASN A 72 -14.45 -3.13 -13.80
CA ASN A 72 -13.37 -3.30 -14.76
C ASN A 72 -12.01 -2.86 -14.22
N LEU A 73 -11.99 -2.00 -13.21
CA LEU A 73 -10.73 -1.42 -12.74
C LEU A 73 -10.81 -1.16 -11.24
N LEU A 74 -9.68 -1.35 -10.58
CA LEU A 74 -9.53 -1.11 -9.14
C LEU A 74 -10.59 -1.92 -8.41
N GLY A 75 -11.34 -1.33 -7.49
CA GLY A 75 -12.28 -2.06 -6.69
C GLY A 75 -12.94 -1.15 -5.68
N PRO A 76 -13.85 -1.69 -4.89
CA PRO A 76 -14.58 -0.88 -3.92
C PRO A 76 -13.76 -0.69 -2.66
N ALA A 77 -14.30 0.11 -1.74
CA ALA A 77 -13.76 0.24 -0.40
C ALA A 77 -14.65 -0.58 0.55
N VAL A 78 -14.10 -1.66 1.09
CA VAL A 78 -14.81 -2.54 2.00
C VAL A 78 -14.81 -1.90 3.38
N LYS A 79 -15.99 -1.61 3.91
CA LYS A 79 -16.12 -0.94 5.20
C LYS A 79 -16.23 -1.96 6.31
N LEU A 80 -15.39 -1.83 7.34
CA LEU A 80 -15.34 -2.77 8.44
C LEU A 80 -15.51 -2.02 9.76
N GLN A 81 -16.09 -2.72 10.74
CA GLN A 81 -16.30 -2.17 12.07
C GLN A 81 -15.48 -2.97 13.07
N ARG A 82 -14.68 -2.28 13.87
CA ARG A 82 -13.88 -2.95 14.87
C ARG A 82 -14.76 -3.72 15.85
N GLY A 83 -14.30 -4.91 16.24
CA GLY A 83 -15.06 -5.77 17.11
C GLY A 83 -16.21 -6.50 16.47
N LYS A 84 -16.34 -6.45 15.15
CA LYS A 84 -17.42 -7.12 14.46
C LYS A 84 -16.85 -7.97 13.32
N ALA A 85 -17.64 -8.94 12.92
CA ALA A 85 -17.21 -9.93 11.93
C ALA A 85 -18.03 -9.78 10.66
N VAL A 86 -17.38 -9.98 9.52
CA VAL A 86 -18.04 -10.04 8.22
C VAL A 86 -17.56 -11.30 7.52
N THR A 87 -18.39 -11.79 6.62
CA THR A 87 -18.01 -12.87 5.72
C THR A 87 -17.86 -12.27 4.33
N VAL A 88 -16.75 -12.58 3.67
CA VAL A 88 -16.47 -12.06 2.33
C VAL A 88 -16.45 -13.23 1.36
N ASP A 89 -17.30 -13.16 0.34
CA ASP A 89 -17.42 -14.17 -0.70
C ASP A 89 -16.68 -13.68 -1.93
N ILE A 90 -15.60 -14.34 -2.29
CA ILE A 90 -14.74 -13.97 -3.42
C ILE A 90 -14.98 -14.94 -4.56
N TYR A 91 -15.24 -14.41 -5.75
CA TYR A 91 -15.51 -15.21 -6.93
C TYR A 91 -14.49 -14.86 -8.00
N ASN A 92 -13.55 -15.78 -8.25
CA ASN A 92 -12.54 -15.58 -9.29
C ASN A 92 -13.18 -15.87 -10.64
N GLN A 93 -13.49 -14.82 -11.40
CA GLN A 93 -13.96 -14.98 -12.76
C GLN A 93 -12.91 -14.55 -13.78
N LEU A 94 -11.64 -14.62 -13.39
CA LEU A 94 -10.53 -14.49 -14.32
C LEU A 94 -10.20 -15.84 -14.94
N THR A 95 -9.23 -15.84 -15.85
CA THR A 95 -8.78 -17.07 -16.49
C THR A 95 -7.52 -17.65 -15.86
N GLU A 96 -7.03 -17.05 -14.78
CA GLU A 96 -5.85 -17.58 -14.09
C GLU A 96 -6.07 -17.53 -12.58
N GLU A 97 -5.16 -18.19 -11.86
CA GLU A 97 -5.21 -18.21 -10.40
C GLU A 97 -4.96 -16.82 -9.83
N THR A 98 -5.47 -16.60 -8.62
CA THR A 98 -5.17 -15.39 -7.88
C THR A 98 -5.45 -15.62 -6.40
N THR A 99 -4.96 -14.70 -5.57
CA THR A 99 -5.25 -14.69 -4.14
C THR A 99 -5.75 -13.30 -3.77
N LEU A 100 -6.23 -13.17 -2.53
CA LEU A 100 -6.67 -11.87 -2.02
C LEU A 100 -6.02 -11.65 -0.66
N HIS A 101 -5.04 -10.76 -0.62
CA HIS A 101 -4.36 -10.39 0.62
C HIS A 101 -4.91 -9.08 1.14
N TRP A 102 -5.16 -9.03 2.44
CA TRP A 102 -5.73 -7.85 3.11
C TRP A 102 -4.56 -7.11 3.74
N HIS A 103 -3.93 -6.24 2.95
CA HIS A 103 -2.73 -5.52 3.36
C HIS A 103 -3.03 -4.61 4.54
N GLY A 104 -2.48 -4.94 5.70
CA GLY A 104 -2.61 -4.12 6.88
C GLY A 104 -3.61 -4.64 7.91
N LEU A 105 -4.34 -5.70 7.58
CA LEU A 105 -5.29 -6.27 8.54
C LEU A 105 -4.56 -7.23 9.48
N GLU A 106 -4.83 -7.09 10.78
CA GLU A 106 -4.33 -8.02 11.78
C GLU A 106 -5.33 -9.16 11.88
N VAL A 107 -5.09 -10.21 11.09
CA VAL A 107 -6.01 -11.34 10.98
C VAL A 107 -5.22 -12.62 11.02
N PRO A 108 -5.87 -13.73 11.39
CA PRO A 108 -5.20 -15.04 11.29
C PRO A 108 -4.72 -15.29 9.88
N GLY A 109 -3.63 -16.05 9.77
CA GLY A 109 -3.07 -16.37 8.46
C GLY A 109 -4.05 -17.07 7.53
N GLU A 110 -5.12 -17.66 8.07
CA GLU A 110 -6.06 -18.37 7.23
C GLU A 110 -6.84 -17.45 6.29
N VAL A 111 -7.10 -16.20 6.69
CA VAL A 111 -7.98 -15.37 5.89
C VAL A 111 -7.32 -15.02 4.55
N ASP A 112 -6.00 -14.84 4.53
CA ASP A 112 -5.30 -14.87 3.26
C ASP A 112 -5.21 -16.28 2.72
N GLY A 113 -5.12 -17.26 3.62
CA GLY A 113 -4.72 -18.60 3.25
C GLY A 113 -3.24 -18.62 2.86
N GLY A 114 -2.79 -19.82 2.54
CA GLY A 114 -1.50 -20.00 1.91
C GLY A 114 -1.71 -20.56 0.52
N PRO A 115 -1.46 -21.86 0.37
CA PRO A 115 -1.96 -22.55 -0.84
C PRO A 115 -3.48 -22.67 -0.84
N GLN A 116 -4.09 -22.89 0.33
CA GLN A 116 -5.54 -22.85 0.42
C GLN A 116 -6.07 -21.48 0.03
N GLY A 117 -5.23 -20.45 0.07
CA GLY A 117 -5.63 -19.12 -0.32
C GLY A 117 -5.68 -18.89 -1.82
N ILE A 118 -5.23 -19.87 -2.60
CA ILE A 118 -5.37 -19.76 -4.05
C ILE A 118 -6.83 -19.94 -4.43
N ILE A 119 -7.29 -19.15 -5.39
CA ILE A 119 -8.62 -19.31 -5.96
C ILE A 119 -8.45 -19.63 -7.44
N PRO A 120 -8.84 -20.81 -7.90
CA PRO A 120 -8.67 -21.16 -9.32
C PRO A 120 -9.66 -20.38 -10.17
N PRO A 121 -9.44 -20.33 -11.49
CA PRO A 121 -10.43 -19.65 -12.37
C PRO A 121 -11.79 -20.31 -12.24
N GLY A 122 -12.82 -19.48 -12.11
CA GLY A 122 -14.16 -19.96 -11.84
C GLY A 122 -14.42 -20.41 -10.42
N GLY A 123 -13.39 -20.47 -9.57
CA GLY A 123 -13.57 -20.91 -8.21
C GLY A 123 -14.13 -19.83 -7.31
N LYS A 124 -14.57 -20.25 -6.13
CA LYS A 124 -15.06 -19.32 -5.12
C LYS A 124 -14.40 -19.66 -3.79
N ARG A 125 -14.40 -18.66 -2.90
CA ARG A 125 -13.70 -18.81 -1.64
C ARG A 125 -14.26 -17.82 -0.64
N SER A 126 -14.50 -18.29 0.58
CA SER A 126 -15.11 -17.49 1.63
C SER A 126 -14.14 -17.30 2.78
N VAL A 127 -14.08 -16.08 3.29
CA VAL A 127 -13.26 -15.75 4.46
C VAL A 127 -14.10 -14.94 5.43
N THR A 128 -13.97 -15.26 6.71
CA THR A 128 -14.58 -14.47 7.77
C THR A 128 -13.49 -13.60 8.38
N LEU A 129 -13.78 -12.31 8.49
CA LEU A 129 -12.81 -11.33 8.99
C LEU A 129 -13.29 -10.85 10.35
N ASN A 130 -12.44 -11.03 11.35
CA ASN A 130 -12.70 -10.48 12.69
C ASN A 130 -11.76 -9.29 12.87
N VAL A 131 -12.34 -8.10 12.93
CA VAL A 131 -11.57 -6.86 13.04
C VAL A 131 -11.38 -6.50 14.51
N ASP A 132 -10.14 -6.51 14.99
CA ASP A 132 -9.82 -6.03 16.33
C ASP A 132 -8.54 -5.20 16.30
N GLN A 133 -8.55 -4.13 15.52
CA GLN A 133 -7.44 -3.20 15.40
C GLN A 133 -8.00 -1.80 15.26
N PRO A 134 -7.22 -0.78 15.58
CA PRO A 134 -7.73 0.60 15.51
C PRO A 134 -8.21 0.96 14.11
N ALA A 135 -9.07 1.98 14.06
CA ALA A 135 -9.54 2.49 12.78
C ALA A 135 -8.37 2.89 11.89
N ALA A 136 -8.45 2.51 10.61
CA ALA A 136 -7.38 2.77 9.66
C ALA A 136 -7.89 2.60 8.24
N THR A 137 -7.09 3.08 7.28
CA THR A 137 -7.27 2.76 5.88
C THR A 137 -6.25 1.68 5.53
N CYS A 138 -6.74 0.48 5.24
CA CYS A 138 -5.93 -0.58 4.69
C CYS A 138 -6.34 -0.77 3.23
N TRP A 139 -5.82 -1.81 2.61
CA TRP A 139 -6.21 -2.10 1.23
C TRP A 139 -5.98 -3.57 0.96
N PHE A 140 -6.45 -4.01 -0.20
CA PHE A 140 -6.33 -5.41 -0.58
C PHE A 140 -6.01 -5.51 -2.06
N HIS A 141 -5.28 -6.56 -2.41
CA HIS A 141 -4.75 -6.77 -3.75
C HIS A 141 -4.29 -8.23 -3.88
N PRO A 142 -4.02 -8.70 -5.09
CA PRO A 142 -3.58 -10.09 -5.25
C PRO A 142 -2.19 -10.32 -4.67
N HIS A 143 -1.95 -11.56 -4.28
CA HIS A 143 -0.67 -11.98 -3.70
C HIS A 143 -0.25 -13.32 -4.29
N GLN A 144 -0.47 -13.49 -5.59
CA GLN A 144 -0.12 -14.71 -6.27
C GLN A 144 1.40 -14.86 -6.38
N HIS A 145 1.89 -16.07 -6.11
CA HIS A 145 3.31 -16.40 -6.23
C HIS A 145 3.85 -16.05 -7.60
N GLY A 146 4.75 -15.07 -7.67
CA GLY A 146 5.42 -14.73 -8.91
C GLY A 146 4.68 -13.80 -9.85
N LYS A 147 3.37 -13.58 -9.64
CA LYS A 147 2.60 -12.76 -10.56
C LYS A 147 1.91 -11.58 -9.87
N THR A 148 2.23 -11.33 -8.60
CA THR A 148 1.65 -10.22 -7.87
C THR A 148 1.81 -8.90 -8.61
N GLY A 149 3.01 -8.65 -9.14
CA GLY A 149 3.26 -7.42 -9.87
C GLY A 149 2.39 -7.28 -11.10
N ARG A 150 2.18 -8.38 -11.83
CA ARG A 150 1.36 -8.31 -13.04
C ARG A 150 -0.11 -8.13 -12.70
N GLN A 151 -0.59 -8.84 -11.69
CA GLN A 151 -2.01 -8.79 -11.38
C GLN A 151 -2.42 -7.44 -10.80
N VAL A 152 -1.54 -6.79 -10.05
CA VAL A 152 -1.80 -5.41 -9.65
C VAL A 152 -1.71 -4.49 -10.86
N ALA A 153 -0.68 -4.69 -11.70
CA ALA A 153 -0.53 -3.86 -12.89
C ALA A 153 -1.78 -3.90 -13.76
N MET A 154 -2.43 -5.07 -13.84
CA MET A 154 -3.65 -5.21 -14.63
C MET A 154 -4.84 -4.45 -14.05
N GLY A 155 -4.80 -4.12 -12.76
CA GLY A 155 -5.81 -3.25 -12.21
C GLY A 155 -6.42 -3.65 -10.88
N LEU A 156 -6.01 -4.78 -10.31
CA LEU A 156 -6.66 -5.29 -9.12
C LEU A 156 -6.10 -4.61 -7.87
N ALA A 157 -6.94 -3.79 -7.24
CA ALA A 157 -6.67 -3.22 -5.92
C ALA A 157 -7.96 -2.66 -5.38
N GLY A 158 -8.21 -2.89 -4.09
CA GLY A 158 -9.35 -2.31 -3.42
C GLY A 158 -8.91 -1.71 -2.10
N LEU A 159 -9.84 -1.02 -1.45
CA LEU A 159 -9.55 -0.39 -0.18
C LEU A 159 -10.32 -1.07 0.94
N VAL A 160 -9.78 -0.92 2.15
CA VAL A 160 -10.43 -1.36 3.37
C VAL A 160 -10.50 -0.16 4.29
N VAL A 161 -11.71 0.19 4.72
CA VAL A 161 -11.92 1.30 5.65
C VAL A 161 -12.38 0.69 6.96
N ILE A 162 -11.56 0.83 8.00
CA ILE A 162 -11.86 0.27 9.32
C ILE A 162 -12.31 1.40 10.24
N GLU A 163 -13.45 1.22 10.89
CA GLU A 163 -13.94 2.21 11.83
C GLU A 163 -14.11 1.59 13.21
N ASP A 164 -14.00 2.44 14.23
CA ASP A 164 -14.12 2.03 15.62
C ASP A 164 -14.89 3.11 16.38
N ASP A 165 -15.03 2.91 17.68
CA ASP A 165 -15.73 3.88 18.51
C ASP A 165 -14.96 5.20 18.60
N GLU A 166 -13.63 5.14 18.70
CA GLU A 166 -12.86 6.34 19.00
C GLU A 166 -12.93 7.36 17.88
N ILE A 167 -12.74 6.92 16.63
CA ILE A 167 -12.62 7.89 15.53
C ILE A 167 -13.95 8.56 15.24
N LEU A 168 -15.08 7.86 15.43
CA LEU A 168 -16.36 8.44 15.10
C LEU A 168 -16.75 9.59 16.02
N LYS A 169 -16.13 9.67 17.21
CA LYS A 169 -16.37 10.76 18.14
C LYS A 169 -15.52 12.00 17.84
N LEU A 170 -14.67 11.96 16.82
CA LEU A 170 -13.69 13.03 16.61
C LEU A 170 -14.22 14.15 15.73
N MET A 171 -15.28 13.93 14.95
CA MET A 171 -15.86 14.95 14.06
C MET A 171 -14.92 15.34 12.94
N LEU A 172 -14.04 14.42 12.53
CA LEU A 172 -13.29 14.58 11.30
C LEU A 172 -14.26 14.71 10.12
N PRO A 173 -13.81 15.27 9.01
CA PRO A 173 -14.58 15.12 7.78
C PRO A 173 -14.79 13.64 7.52
N LYS A 174 -16.02 13.28 7.21
CA LYS A 174 -16.35 11.86 7.16
C LYS A 174 -17.35 11.52 6.07
N GLN A 175 -17.67 12.43 5.17
CA GLN A 175 -18.68 12.19 4.16
C GLN A 175 -18.01 11.59 2.92
N TRP A 176 -18.21 10.30 2.72
CA TRP A 176 -17.53 9.57 1.67
C TRP A 176 -17.78 10.17 0.29
N GLY A 177 -16.71 10.37 -0.46
CA GLY A 177 -16.79 10.91 -1.81
C GLY A 177 -17.03 12.40 -1.88
N ILE A 178 -17.04 13.08 -0.74
CA ILE A 178 -17.33 14.50 -0.73
C ILE A 178 -16.21 15.25 -0.02
N ASP A 179 -16.13 15.12 1.30
CA ASP A 179 -15.02 15.68 2.06
C ASP A 179 -14.11 14.61 2.66
N ASP A 180 -14.40 13.34 2.41
CA ASP A 180 -13.55 12.21 2.79
C ASP A 180 -13.42 11.36 1.53
N VAL A 181 -12.30 11.50 0.82
CA VAL A 181 -12.18 10.89 -0.50
C VAL A 181 -10.95 9.99 -0.59
N PRO A 182 -11.07 8.83 -1.23
CA PRO A 182 -9.89 8.00 -1.44
C PRO A 182 -9.11 8.46 -2.66
N VAL A 183 -7.79 8.39 -2.58
CA VAL A 183 -6.90 8.84 -3.63
C VAL A 183 -5.87 7.74 -3.86
N ILE A 184 -6.14 6.88 -4.84
CA ILE A 184 -5.28 5.76 -5.18
C ILE A 184 -4.44 6.16 -6.38
N VAL A 185 -3.15 6.39 -6.16
CA VAL A 185 -2.26 6.87 -7.20
C VAL A 185 -1.40 5.73 -7.70
N GLN A 186 -1.45 5.50 -9.00
CA GLN A 186 -0.70 4.46 -9.67
C GLN A 186 -0.15 5.00 -10.98
N ASP A 187 0.94 4.42 -11.44
CA ASP A 187 1.40 4.67 -12.80
C ASP A 187 1.33 3.39 -13.60
N LYS A 188 1.10 3.54 -14.90
CA LYS A 188 0.98 2.41 -15.81
C LYS A 188 1.69 2.73 -17.11
N LYS A 189 2.23 1.69 -17.73
CA LYS A 189 2.91 1.79 -19.02
C LYS A 189 1.98 1.20 -20.08
N PHE A 190 1.60 2.03 -21.05
CA PHE A 190 0.69 1.61 -22.11
C PHE A 190 1.43 1.55 -23.44
N SER A 191 1.35 0.41 -24.12
CA SER A 191 1.90 0.30 -25.46
C SER A 191 1.07 1.14 -26.43
N ALA A 192 1.52 1.18 -27.69
CA ALA A 192 0.91 2.10 -28.65
C ALA A 192 -0.52 1.70 -29.00
N ASP A 193 -0.86 0.41 -28.86
CA ASP A 193 -2.24 -0.03 -29.05
C ASP A 193 -3.14 0.32 -27.87
N GLY A 194 -2.60 0.95 -26.82
CA GLY A 194 -3.38 1.32 -25.66
C GLY A 194 -3.52 0.24 -24.60
N GLN A 195 -2.89 -0.91 -24.80
CA GLN A 195 -2.98 -1.99 -23.82
C GLN A 195 -1.88 -1.87 -22.77
N ILE A 196 -2.15 -2.46 -21.60
CA ILE A 196 -1.16 -2.42 -20.52
C ILE A 196 0.04 -3.26 -20.92
N ASP A 197 1.23 -2.68 -20.76
CA ASP A 197 2.49 -3.26 -21.20
C ASP A 197 3.30 -3.67 -19.96
N TYR A 198 3.06 -4.88 -19.47
CA TYR A 198 3.78 -5.41 -18.31
C TYR A 198 4.63 -6.60 -18.73
N GLN A 199 5.87 -6.63 -18.25
CA GLN A 199 6.82 -7.67 -18.62
C GLN A 199 7.82 -7.86 -17.48
N LEU A 200 7.71 -8.97 -16.75
CA LEU A 200 8.67 -9.29 -15.68
C LEU A 200 9.92 -9.90 -16.32
N ASP A 201 10.70 -9.03 -16.96
CA ASP A 201 11.94 -9.44 -17.60
C ASP A 201 13.10 -9.22 -16.62
N VAL A 202 14.33 -9.40 -17.10
CA VAL A 202 15.50 -9.28 -16.23
C VAL A 202 15.66 -7.85 -15.72
N MET A 203 15.17 -6.87 -16.49
CA MET A 203 15.38 -5.47 -16.15
C MET A 203 14.36 -4.99 -15.11
N THR A 204 13.06 -5.24 -15.35
CA THR A 204 12.06 -4.84 -14.37
C THR A 204 12.19 -5.60 -13.06
N ALA A 205 12.84 -6.77 -13.06
CA ALA A 205 13.10 -7.48 -11.81
C ALA A 205 14.12 -6.76 -10.95
N ALA A 206 14.91 -5.86 -11.53
CA ALA A 206 15.91 -5.12 -10.77
C ALA A 206 15.35 -3.82 -10.20
N VAL A 207 14.69 -3.02 -11.03
CA VAL A 207 14.25 -1.68 -10.63
C VAL A 207 12.74 -1.57 -10.47
N GLY A 208 11.97 -2.58 -10.87
CA GLY A 208 10.53 -2.51 -10.82
C GLY A 208 9.90 -2.02 -12.11
N TRP A 209 8.57 -2.07 -12.14
CA TRP A 209 7.79 -1.72 -13.32
C TRP A 209 7.36 -0.26 -13.23
N PHE A 210 7.79 0.54 -14.20
CA PHE A 210 7.49 1.96 -14.24
C PHE A 210 6.66 2.29 -15.47
N GLY A 211 5.84 3.34 -15.36
CA GLY A 211 5.02 3.76 -16.46
C GLY A 211 5.00 5.28 -16.55
N ASP A 212 4.57 5.77 -17.71
CA ASP A 212 4.59 7.19 -17.99
C ASP A 212 3.24 7.87 -17.76
N THR A 213 2.21 7.10 -17.42
CA THR A 213 0.87 7.64 -17.19
C THR A 213 0.53 7.55 -15.71
N LEU A 214 0.23 8.68 -15.09
CA LEU A 214 -0.16 8.72 -13.68
C LEU A 214 -1.68 8.70 -13.57
N LEU A 215 -2.20 7.72 -12.84
CA LEU A 215 -3.64 7.53 -12.68
C LEU A 215 -4.04 7.80 -11.24
N THR A 216 -5.17 8.49 -11.05
CA THR A 216 -5.77 8.71 -9.75
C THR A 216 -7.16 8.10 -9.76
N ASN A 217 -7.35 7.06 -8.94
CA ASN A 217 -8.60 6.29 -8.91
C ASN A 217 -9.02 5.86 -10.30
N GLY A 218 -8.03 5.63 -11.18
CA GLY A 218 -8.26 5.15 -12.53
C GLY A 218 -8.26 6.24 -13.58
N ALA A 219 -8.38 7.50 -13.21
CA ALA A 219 -8.50 8.59 -14.16
C ALA A 219 -7.18 9.34 -14.29
N ILE A 220 -7.05 10.06 -15.42
CA ILE A 220 -5.87 10.86 -15.70
C ILE A 220 -6.15 12.29 -15.24
N TYR A 221 -5.47 12.71 -14.19
CA TYR A 221 -5.57 14.06 -13.66
C TYR A 221 -7.03 14.50 -13.48
N PRO A 222 -7.79 13.83 -12.60
CA PRO A 222 -9.20 14.19 -12.42
C PRO A 222 -9.36 15.39 -11.50
N GLN A 223 -10.58 15.89 -11.48
CA GLN A 223 -10.98 16.96 -10.59
C GLN A 223 -11.95 16.42 -9.54
N HIS A 224 -11.82 16.92 -8.32
CA HIS A 224 -12.80 16.66 -7.28
C HIS A 224 -13.35 17.98 -6.79
N ALA A 225 -14.67 18.07 -6.67
CA ALA A 225 -15.31 19.23 -6.08
C ALA A 225 -15.42 19.00 -4.59
N ALA A 226 -14.92 19.95 -3.80
CA ALA A 226 -14.87 19.81 -2.36
C ALA A 226 -15.47 21.05 -1.70
N PRO A 227 -16.33 20.88 -0.70
CA PRO A 227 -16.88 22.04 0.00
C PRO A 227 -15.81 22.78 0.78
N ARG A 228 -16.14 24.01 1.16
CA ARG A 228 -15.24 24.80 2.00
C ARG A 228 -15.04 24.10 3.34
N GLY A 229 -13.93 24.43 3.99
CA GLY A 229 -13.59 23.79 5.24
C GLY A 229 -12.52 22.73 5.05
N TRP A 230 -12.64 21.63 5.79
CA TRP A 230 -11.63 20.59 5.77
C TRP A 230 -11.96 19.53 4.73
N LEU A 231 -10.94 19.14 3.96
CA LEU A 231 -11.02 18.02 3.03
C LEU A 231 -10.05 16.94 3.51
N ARG A 232 -10.52 15.71 3.55
CA ARG A 232 -9.75 14.57 4.03
C ARG A 232 -9.40 13.68 2.86
N LEU A 233 -8.12 13.38 2.71
CA LEU A 233 -7.62 12.54 1.64
C LEU A 233 -7.05 11.27 2.24
N ARG A 234 -7.52 10.12 1.76
CA ARG A 234 -6.91 8.84 2.09
C ARG A 234 -5.99 8.50 0.93
N LEU A 235 -4.70 8.68 1.16
CA LEU A 235 -3.69 8.50 0.12
C LEU A 235 -3.16 7.07 0.15
N LEU A 236 -3.22 6.40 -1.00
CA LEU A 236 -2.57 5.11 -1.20
C LEU A 236 -1.60 5.24 -2.36
N ASN A 237 -0.37 4.79 -2.14
CA ASN A 237 0.59 4.60 -3.23
C ASN A 237 0.39 3.17 -3.72
N GLY A 238 -0.36 3.02 -4.80
CA GLY A 238 -0.57 1.71 -5.37
C GLY A 238 0.30 1.41 -6.58
N CYS A 239 1.43 2.11 -6.72
CA CYS A 239 2.38 1.85 -7.80
C CYS A 239 3.17 0.58 -7.54
N ASN A 240 3.55 -0.10 -8.61
CA ASN A 240 4.38 -1.30 -8.49
C ASN A 240 5.74 -0.98 -7.87
N ALA A 241 6.35 0.13 -8.29
CA ALA A 241 7.74 0.38 -7.93
C ALA A 241 8.09 1.83 -7.66
N ARG A 242 7.20 2.78 -7.89
CA ARG A 242 7.54 4.19 -7.83
C ARG A 242 7.17 4.78 -6.48
N SER A 243 8.09 5.52 -5.89
CA SER A 243 7.79 6.32 -4.71
C SER A 243 7.07 7.59 -5.11
N LEU A 244 6.24 8.10 -4.20
CA LEU A 244 5.52 9.33 -4.42
C LEU A 244 5.86 10.30 -3.29
N ASN A 245 5.68 11.58 -3.58
CA ASN A 245 5.99 12.65 -2.62
C ASN A 245 4.92 13.73 -2.79
N PHE A 246 3.85 13.62 -2.01
CA PHE A 246 2.68 14.46 -2.21
C PHE A 246 2.88 15.86 -1.65
N ALA A 247 2.32 16.84 -2.34
CA ALA A 247 2.33 18.24 -1.92
C ALA A 247 1.16 18.96 -2.61
N THR A 248 1.02 20.25 -2.32
CA THR A 248 0.04 21.08 -3.00
C THR A 248 0.75 22.06 -3.93
N SER A 249 0.04 22.46 -4.98
CA SER A 249 0.60 23.38 -5.97
C SER A 249 0.95 24.72 -5.35
N ASP A 250 0.11 25.22 -4.45
CA ASP A 250 0.39 26.49 -3.78
C ASP A 250 1.10 26.32 -2.45
N ASN A 251 1.60 25.11 -2.16
CA ASN A 251 2.41 24.83 -0.99
C ASN A 251 1.64 25.07 0.32
N ARG A 252 0.32 24.96 0.27
CA ARG A 252 -0.41 24.90 1.53
C ARG A 252 -0.16 23.56 2.21
N PRO A 253 -0.10 23.54 3.53
CA PRO A 253 0.36 22.34 4.23
C PRO A 253 -0.66 21.21 4.21
N LEU A 254 -0.14 20.00 4.43
CA LEU A 254 -0.95 18.81 4.65
C LEU A 254 -0.86 18.43 6.11
N TYR A 255 -2.02 18.19 6.72
CA TYR A 255 -2.08 17.77 8.12
C TYR A 255 -2.24 16.26 8.15
N VAL A 256 -1.17 15.56 8.49
CA VAL A 256 -1.22 14.11 8.58
C VAL A 256 -1.95 13.74 9.86
N ILE A 257 -3.02 12.94 9.72
CA ILE A 257 -3.77 12.46 10.86
C ILE A 257 -3.66 10.95 11.05
N ALA A 258 -3.17 10.21 10.07
CA ALA A 258 -3.10 8.76 10.17
C ALA A 258 -2.03 8.23 9.23
N SER A 259 -1.45 7.10 9.62
CA SER A 259 -0.50 6.32 8.83
C SER A 259 -1.15 4.97 8.46
N ASP A 260 -0.33 3.99 8.08
CA ASP A 260 -0.87 2.71 7.63
C ASP A 260 -1.82 2.12 8.67
N GLY A 261 -1.41 2.15 9.94
CA GLY A 261 -2.13 1.47 11.00
C GLY A 261 -3.16 2.29 11.70
N GLY A 262 -3.28 3.57 11.40
CA GLY A 262 -4.34 4.35 11.98
C GLY A 262 -3.83 5.68 12.51
N LEU A 263 -4.68 6.29 13.34
CA LEU A 263 -4.47 7.67 13.76
C LEU A 263 -3.12 7.86 14.42
N LEU A 264 -2.57 9.05 14.23
CA LEU A 264 -1.46 9.52 15.03
C LEU A 264 -2.00 10.09 16.34
N PRO A 265 -1.16 10.26 17.35
CA PRO A 265 -1.66 10.92 18.57
C PRO A 265 -2.13 12.35 18.31
N GLU A 266 -1.42 13.10 17.48
CA GLU A 266 -1.81 14.46 17.11
C GLU A 266 -1.56 14.69 15.63
N PRO A 267 -2.27 15.63 15.03
CA PRO A 267 -1.98 16.00 13.64
C PRO A 267 -0.54 16.46 13.47
N VAL A 268 0.09 16.02 12.39
CA VAL A 268 1.47 16.35 12.08
C VAL A 268 1.48 17.15 10.77
N LYS A 269 1.84 18.42 10.86
CA LYS A 269 1.85 19.31 9.72
C LYS A 269 3.10 19.09 8.88
N VAL A 270 2.93 18.94 7.56
CA VAL A 270 4.03 18.75 6.63
C VAL A 270 3.75 19.57 5.38
N SER A 271 4.81 19.98 4.70
CA SER A 271 4.67 20.63 3.40
C SER A 271 4.78 19.65 2.24
N GLU A 272 5.34 18.47 2.48
CA GLU A 272 5.40 17.41 1.48
C GLU A 272 5.38 16.08 2.23
N LEU A 273 4.94 15.03 1.55
CA LEU A 273 4.67 13.74 2.21
C LEU A 273 5.16 12.57 1.36
N PRO A 274 6.37 12.07 1.61
CA PRO A 274 6.81 10.85 0.91
C PRO A 274 5.94 9.66 1.28
N VAL A 275 5.57 8.88 0.26
CA VAL A 275 4.75 7.70 0.44
C VAL A 275 5.35 6.56 -0.37
N LEU A 276 5.75 5.50 0.30
CA LEU A 276 6.33 4.33 -0.34
C LEU A 276 5.22 3.45 -0.93
N MET A 277 5.63 2.55 -1.80
CA MET A 277 4.69 1.61 -2.43
C MET A 277 3.97 0.80 -1.37
N GLY A 278 2.63 0.84 -1.40
CA GLY A 278 1.82 0.11 -0.45
C GLY A 278 1.46 0.87 0.81
N GLU A 279 2.09 2.02 1.06
CA GLU A 279 1.79 2.80 2.25
C GLU A 279 0.52 3.61 2.07
N ARG A 280 -0.13 3.91 3.20
CA ARG A 280 -1.26 4.82 3.23
C ARG A 280 -1.01 5.88 4.29
N PHE A 281 -1.39 7.12 3.95
CA PHE A 281 -1.51 8.19 4.92
C PHE A 281 -2.86 8.86 4.72
N GLU A 282 -3.43 9.35 5.80
CA GLU A 282 -4.62 10.17 5.74
C GLU A 282 -4.23 11.59 6.08
N VAL A 283 -4.70 12.54 5.28
CA VAL A 283 -4.31 13.93 5.45
C VAL A 283 -5.56 14.79 5.35
N LEU A 284 -5.56 15.87 6.12
CA LEU A 284 -6.51 16.94 5.96
C LEU A 284 -5.84 18.08 5.23
N VAL A 285 -6.55 18.67 4.29
CA VAL A 285 -6.07 19.84 3.56
C VAL A 285 -7.16 20.89 3.59
N GLU A 286 -6.76 22.13 3.80
CA GLU A 286 -7.69 23.22 4.02
C GLU A 286 -8.22 23.75 2.69
N VAL A 287 -9.54 23.80 2.55
CA VAL A 287 -10.19 24.32 1.36
C VAL A 287 -10.89 25.62 1.74
N ASN A 288 -10.12 26.70 1.88
CA ASN A 288 -10.56 27.89 2.61
C ASN A 288 -11.05 29.01 1.71
N ASP A 289 -11.04 28.83 0.40
CA ASP A 289 -11.38 29.92 -0.52
C ASP A 289 -11.97 29.31 -1.78
N ASN A 290 -12.37 30.16 -2.71
CA ASN A 290 -12.73 29.69 -4.05
C ASN A 290 -11.52 29.46 -4.93
N LYS A 291 -10.33 29.38 -4.33
CA LYS A 291 -9.06 29.23 -5.03
C LYS A 291 -8.77 27.76 -5.30
N PRO A 292 -8.95 27.28 -6.53
CA PRO A 292 -8.65 25.87 -6.83
C PRO A 292 -7.16 25.62 -6.83
N PHE A 293 -6.78 24.41 -6.41
CA PHE A 293 -5.40 24.01 -6.29
C PHE A 293 -5.26 22.54 -6.66
N ASP A 294 -4.02 22.11 -6.87
CA ASP A 294 -3.71 20.75 -7.26
C ASP A 294 -3.03 19.98 -6.13
N LEU A 295 -3.36 18.70 -6.04
CA LEU A 295 -2.49 17.75 -5.36
C LEU A 295 -1.43 17.32 -6.37
N VAL A 296 -0.17 17.38 -5.96
CA VAL A 296 0.93 17.04 -6.86
C VAL A 296 1.81 15.98 -6.20
N THR A 297 2.59 15.30 -7.05
CA THR A 297 3.67 14.47 -6.54
C THR A 297 4.97 15.05 -7.05
N LEU A 298 5.92 15.22 -6.16
CA LEU A 298 7.19 15.91 -6.40
C LEU A 298 8.22 14.93 -6.89
N PRO A 299 9.28 15.42 -7.55
CA PRO A 299 10.35 14.52 -8.00
C PRO A 299 11.06 13.88 -6.82
N VAL A 300 11.37 12.59 -6.97
CA VAL A 300 11.96 11.78 -5.92
C VAL A 300 13.38 11.40 -6.30
N SER A 301 14.31 11.58 -5.36
CA SER A 301 15.72 11.22 -5.57
C SER A 301 15.84 9.71 -5.84
N GLN A 302 16.56 9.36 -6.91
CA GLN A 302 16.55 7.99 -7.42
C GLN A 302 17.56 7.08 -6.70
N MET A 303 18.84 7.36 -6.84
CA MET A 303 19.79 7.11 -5.77
C MET A 303 19.88 8.44 -5.04
N LYS A 304 20.65 8.49 -3.94
CA LYS A 304 20.83 9.80 -3.34
C LYS A 304 21.53 10.67 -4.38
N MET A 305 20.72 11.54 -5.03
CA MET A 305 21.10 12.21 -6.27
C MET A 305 20.30 13.50 -6.40
N ALA A 306 20.81 14.43 -7.22
CA ALA A 306 20.26 15.76 -7.36
C ALA A 306 19.08 15.78 -8.35
N ILE A 307 18.49 16.96 -8.50
CA ILE A 307 17.24 17.18 -9.25
C ILE A 307 17.41 18.44 -10.09
N ALA A 308 17.45 18.29 -11.41
CA ALA A 308 17.46 19.45 -12.28
C ALA A 308 16.05 20.02 -12.39
N PRO A 309 15.91 21.32 -12.70
CA PRO A 309 14.56 21.90 -12.76
C PRO A 309 13.68 21.26 -13.83
N PHE A 310 14.26 20.61 -14.84
CA PHE A 310 13.44 19.91 -15.80
C PHE A 310 12.98 18.54 -15.31
N ASP A 311 13.26 18.22 -14.05
CA ASP A 311 12.44 17.25 -13.31
C ASP A 311 11.36 18.06 -12.60
N LYS A 312 10.13 17.92 -13.03
CA LYS A 312 9.03 18.79 -12.62
C LYS A 312 8.04 18.07 -11.72
N PRO A 313 7.30 18.79 -10.87
CA PRO A 313 6.15 18.21 -10.17
C PRO A 313 5.02 17.86 -11.13
N HIS A 314 4.42 16.69 -10.92
CA HIS A 314 3.30 16.24 -11.73
C HIS A 314 2.01 16.34 -10.94
N PRO A 315 0.95 16.90 -11.52
CA PRO A 315 -0.32 16.98 -10.81
C PRO A 315 -1.02 15.63 -10.73
N VAL A 316 -1.69 15.42 -9.60
CA VAL A 316 -2.38 14.17 -9.31
C VAL A 316 -3.89 14.34 -9.42
N MET A 317 -4.40 15.46 -8.95
CA MET A 317 -5.82 15.70 -8.80
C MET A 317 -6.01 17.19 -8.57
N ARG A 318 -7.07 17.75 -9.15
CA ARG A 318 -7.41 19.15 -8.92
C ARG A 318 -8.57 19.23 -7.93
N ILE A 319 -8.41 20.05 -6.89
CA ILE A 319 -9.47 20.31 -5.93
C ILE A 319 -10.19 21.60 -6.32
N GLN A 320 -11.50 21.49 -6.53
CA GLN A 320 -12.32 22.64 -6.93
C GLN A 320 -13.25 23.01 -5.78
N PRO A 321 -13.00 24.10 -5.07
CA PRO A 321 -13.91 24.49 -3.98
C PRO A 321 -15.31 24.80 -4.50
N ILE A 322 -16.28 24.70 -3.59
CA ILE A 322 -17.66 25.08 -3.85
C ILE A 322 -18.21 25.76 -2.61
N ALA A 323 -19.27 26.57 -2.83
CA ALA A 323 -19.76 27.47 -1.80
C ALA A 323 -20.32 26.75 -0.59
N ILE A 324 -20.70 25.47 -0.72
CA ILE A 324 -21.08 24.68 0.44
C ILE A 324 -19.96 24.69 1.46
N SER A 325 -20.32 24.85 2.73
CA SER A 325 -19.36 24.76 3.83
C SER A 325 -19.51 23.40 4.48
N ALA A 326 -18.38 22.72 4.68
CA ALA A 326 -18.39 21.38 5.23
C ALA A 326 -18.19 21.43 6.74
N SER A 327 -18.55 20.32 7.41
CA SER A 327 -18.65 20.27 8.85
C SER A 327 -17.45 19.64 9.53
N GLY A 328 -16.49 19.13 8.78
CA GLY A 328 -15.37 18.43 9.39
C GLY A 328 -14.43 19.37 10.15
N ALA A 329 -13.74 18.79 11.12
CA ALA A 329 -12.88 19.54 12.02
C ALA A 329 -11.56 18.81 12.20
N LEU A 330 -10.57 19.52 12.75
CA LEU A 330 -9.25 18.93 13.05
C LEU A 330 -8.97 19.09 14.53
N PRO A 331 -9.13 18.05 15.33
CA PRO A 331 -8.87 18.18 16.76
C PRO A 331 -7.39 18.31 17.08
N ASP A 332 -7.11 18.87 18.25
CA ASP A 332 -5.75 18.95 18.73
C ASP A 332 -5.19 17.58 19.06
N THR A 333 -6.03 16.69 19.58
CA THR A 333 -5.63 15.33 19.93
C THR A 333 -6.47 14.37 19.13
N LEU A 334 -5.83 13.42 18.44
CA LEU A 334 -6.55 12.44 17.63
C LEU A 334 -6.74 11.12 18.34
N SER A 335 -5.71 10.64 19.01
CA SER A 335 -5.72 9.28 19.54
C SER A 335 -4.73 9.19 20.69
N SER A 336 -4.57 7.99 21.22
CA SER A 336 -3.59 7.72 22.27
C SER A 336 -2.77 6.53 21.82
N LEU A 337 -1.50 6.73 21.65
CA LEU A 337 -0.64 5.62 21.27
C LEU A 337 0.18 5.18 22.46
N PRO A 338 0.21 3.89 22.79
CA PRO A 338 0.97 3.44 23.95
C PRO A 338 2.46 3.72 23.76
N ALA A 339 3.16 3.85 24.88
CA ALA A 339 4.60 4.04 24.83
C ALA A 339 5.28 2.82 24.23
N LEU A 340 6.46 3.05 23.66
CA LEU A 340 7.28 1.95 23.20
C LEU A 340 7.67 1.08 24.39
N PRO A 341 7.44 -0.23 24.33
CA PRO A 341 7.88 -1.10 25.43
C PRO A 341 9.40 -1.11 25.51
N SER A 342 9.90 -1.51 26.66
CA SER A 342 11.34 -1.58 26.82
C SER A 342 11.93 -2.65 25.92
N LEU A 343 13.11 -2.37 25.37
CA LEU A 343 13.74 -3.28 24.44
C LEU A 343 14.41 -4.48 25.11
N GLU A 344 14.52 -4.50 26.43
CA GLU A 344 15.19 -5.60 27.12
C GLU A 344 14.24 -6.78 27.26
N GLY A 345 14.76 -7.98 26.99
CA GLY A 345 13.95 -9.19 27.02
C GLY A 345 13.23 -9.54 25.74
N LEU A 346 13.20 -8.62 24.77
CA LEU A 346 12.54 -8.89 23.50
C LEU A 346 13.46 -9.64 22.56
N THR A 347 12.91 -10.66 21.90
CA THR A 347 13.64 -11.39 20.87
C THR A 347 14.10 -10.45 19.77
N VAL A 348 15.30 -10.68 19.26
CA VAL A 348 15.82 -9.99 18.09
C VAL A 348 15.93 -10.98 16.94
N ARG A 349 15.34 -10.63 15.79
CA ARG A 349 15.45 -11.39 14.56
C ARG A 349 16.06 -10.50 13.50
N LYS A 350 17.17 -10.95 12.91
CA LYS A 350 17.83 -10.20 11.85
C LYS A 350 17.36 -10.69 10.48
N LEU A 351 17.22 -9.75 9.56
CA LEU A 351 16.84 -10.04 8.18
C LEU A 351 17.74 -9.25 7.26
N GLN A 352 18.42 -9.93 6.34
CA GLN A 352 19.32 -9.29 5.39
C GLN A 352 18.72 -9.41 4.00
N LEU A 353 18.32 -8.28 3.43
CA LEU A 353 17.86 -8.25 2.05
C LEU A 353 19.07 -8.15 1.13
N SER A 354 19.09 -8.98 0.10
CA SER A 354 20.14 -8.92 -0.90
C SER A 354 19.53 -9.13 -2.28
N MET A 355 20.19 -8.56 -3.27
CA MET A 355 19.83 -8.75 -4.67
C MET A 355 20.98 -9.44 -5.38
N ASP A 356 20.66 -10.13 -6.47
CA ASP A 356 21.71 -10.60 -7.35
C ASP A 356 22.51 -9.40 -7.85
N PRO A 357 23.85 -9.49 -7.85
CA PRO A 357 24.64 -8.31 -8.25
C PRO A 357 24.44 -7.90 -9.69
N MET A 358 24.11 -8.83 -10.58
CA MET A 358 23.82 -8.48 -11.97
C MET A 358 22.62 -7.54 -12.06
N LEU A 359 21.54 -7.88 -11.35
CA LEU A 359 20.36 -7.01 -11.31
C LEU A 359 20.73 -5.63 -10.78
N ASP A 360 21.42 -5.60 -9.64
CA ASP A 360 21.80 -4.33 -9.02
C ASP A 360 22.68 -3.51 -9.96
N MET A 361 23.66 -4.16 -10.60
CA MET A 361 24.57 -3.46 -11.49
C MET A 361 23.84 -2.97 -12.74
N MET A 362 23.10 -3.86 -13.41
CA MET A 362 22.33 -3.42 -14.56
C MET A 362 21.22 -2.45 -14.18
N GLY A 363 20.86 -2.38 -12.89
CA GLY A 363 19.92 -1.37 -12.44
C GLY A 363 20.51 0.03 -12.40
N MET A 364 21.83 0.13 -12.25
CA MET A 364 22.48 1.43 -12.28
C MET A 364 22.84 1.88 -13.70
N GLN A 365 23.27 0.93 -14.55
CA GLN A 365 23.51 1.27 -15.95
C GLN A 365 22.29 1.96 -16.57
N MET A 366 21.09 1.52 -16.18
CA MET A 366 19.88 2.18 -16.65
C MET A 366 19.69 3.53 -16.01
N LEU A 367 20.13 3.69 -14.75
CA LEU A 367 19.95 4.96 -14.05
C LEU A 367 20.59 6.12 -14.78
N MET A 368 21.59 5.86 -15.63
CA MET A 368 22.25 6.91 -16.41
C MET A 368 21.89 6.90 -17.89
N GLU A 369 21.53 5.74 -18.44
CA GLU A 369 21.35 5.59 -19.89
C GLU A 369 20.19 6.44 -20.41
N GLY A 399 27.47 -12.10 -17.72
CA GLY A 399 26.31 -12.88 -18.13
C GLY A 399 26.44 -14.36 -17.88
N GLY A 400 25.31 -15.04 -17.70
CA GLY A 400 25.31 -16.46 -17.46
C GLY A 400 23.97 -17.09 -17.76
N LYS A 401 23.83 -18.36 -17.36
CA LYS A 401 22.55 -19.03 -17.44
C LYS A 401 21.48 -18.24 -16.72
N PHE A 402 21.72 -17.91 -15.45
CA PHE A 402 21.01 -16.89 -14.71
C PHE A 402 19.48 -17.00 -14.75
N ASP A 403 18.91 -17.89 -13.95
CA ASP A 403 17.51 -17.77 -13.60
C ASP A 403 17.36 -16.57 -12.66
N PHE A 404 16.35 -15.74 -12.91
CA PHE A 404 16.13 -14.54 -12.11
C PHE A 404 14.84 -14.60 -11.33
N HIS A 405 14.10 -15.70 -11.43
CA HIS A 405 12.85 -15.86 -10.70
C HIS A 405 13.09 -16.07 -9.21
N HIS A 406 14.31 -16.41 -8.82
CA HIS A 406 14.69 -16.58 -7.42
C HIS A 406 16.04 -15.89 -7.17
N ALA A 407 16.24 -14.72 -7.80
CA ALA A 407 17.51 -14.01 -7.72
C ALA A 407 17.64 -13.24 -6.41
N ASN A 408 16.60 -12.50 -6.02
CA ASN A 408 16.64 -11.66 -4.84
C ASN A 408 16.27 -12.49 -3.61
N LYS A 409 16.91 -12.20 -2.49
CA LYS A 409 16.88 -13.11 -1.34
C LYS A 409 16.75 -12.34 -0.04
N ILE A 410 16.33 -13.06 1.00
CA ILE A 410 16.37 -12.61 2.38
C ILE A 410 17.11 -13.67 3.19
N ASN A 411 18.18 -13.27 3.88
CA ASN A 411 19.02 -14.19 4.64
C ASN A 411 19.54 -15.32 3.75
N GLY A 412 19.90 -14.95 2.52
CA GLY A 412 20.44 -15.90 1.56
C GLY A 412 19.43 -16.80 0.89
N GLN A 413 18.18 -16.83 1.35
CA GLN A 413 17.17 -17.71 0.80
C GLN A 413 16.18 -16.92 -0.06
N ALA A 414 16.01 -17.33 -1.31
CA ALA A 414 14.85 -16.92 -2.08
C ALA A 414 13.61 -17.61 -1.54
N PHE A 415 12.47 -16.94 -1.67
CA PHE A 415 11.25 -17.40 -0.99
C PHE A 415 10.88 -18.82 -1.40
N ASP A 416 10.47 -19.61 -0.42
CA ASP A 416 10.00 -20.98 -0.64
C ASP A 416 8.66 -21.15 0.06
N MET A 417 7.62 -21.47 -0.73
CA MET A 417 6.27 -21.52 -0.20
C MET A 417 6.08 -22.58 0.88
N ASN A 418 6.95 -23.59 0.93
CA ASN A 418 6.79 -24.67 1.88
C ASN A 418 7.72 -24.58 3.08
N LYS A 419 8.65 -23.62 3.08
CA LYS A 419 9.76 -23.57 4.03
C LYS A 419 9.71 -22.26 4.81
N PRO A 420 8.91 -22.18 5.87
CA PRO A 420 8.90 -20.95 6.69
C PRO A 420 10.23 -20.77 7.40
N MET A 421 10.73 -19.54 7.41
CA MET A 421 12.06 -19.29 7.93
C MET A 421 12.12 -19.44 9.44
N PHE A 422 11.02 -19.15 10.15
CA PHE A 422 11.00 -19.29 11.60
C PHE A 422 9.56 -19.15 12.06
N ALA A 423 9.34 -19.42 13.35
CA ALA A 423 8.11 -19.06 14.03
C ALA A 423 8.34 -17.82 14.87
N ALA A 424 7.33 -16.97 14.96
CA ALA A 424 7.36 -15.79 15.80
C ALA A 424 6.45 -15.99 16.99
N ALA A 425 6.78 -15.34 18.10
CA ALA A 425 5.94 -15.40 19.29
C ALA A 425 4.61 -14.70 19.03
N LYS A 426 3.57 -15.18 19.71
CA LYS A 426 2.23 -14.63 19.59
C LYS A 426 1.92 -13.80 20.84
N GLY A 427 1.52 -12.55 20.62
CA GLY A 427 1.21 -11.65 21.72
C GLY A 427 2.39 -11.02 22.40
N GLN A 428 3.59 -11.12 21.83
CA GLN A 428 4.79 -10.56 22.44
C GLN A 428 5.55 -9.71 21.42
N TYR A 429 5.99 -8.54 21.86
CA TYR A 429 6.80 -7.68 21.01
C TYR A 429 8.14 -8.34 20.73
N GLU A 430 8.51 -8.35 19.45
CA GLU A 430 9.84 -8.74 19.02
C GLU A 430 10.48 -7.56 18.31
N ARG A 431 11.80 -7.65 18.11
CA ARG A 431 12.60 -6.57 17.53
C ARG A 431 13.21 -7.10 16.24
N TRP A 432 12.65 -6.68 15.11
CA TRP A 432 13.13 -7.12 13.80
C TRP A 432 14.04 -6.06 13.22
N VAL A 433 15.20 -6.51 12.75
CA VAL A 433 16.23 -5.64 12.21
C VAL A 433 16.42 -6.07 10.77
N ILE A 434 16.03 -5.20 9.83
CA ILE A 434 16.06 -5.50 8.41
C ILE A 434 17.09 -4.60 7.75
N SER A 435 18.06 -5.21 7.08
CA SER A 435 19.22 -4.51 6.55
C SER A 435 19.28 -4.66 5.04
N GLY A 436 19.51 -3.55 4.33
CA GLY A 436 19.77 -3.60 2.91
C GLY A 436 21.16 -3.07 2.63
N VAL A 437 22.08 -3.35 3.55
CA VAL A 437 23.39 -2.71 3.56
C VAL A 437 24.17 -3.04 2.27
N GLY A 438 24.02 -4.25 1.75
CA GLY A 438 24.79 -4.62 0.57
C GLY A 438 24.22 -4.12 -0.75
N ASP A 439 23.38 -3.10 -0.67
CA ASP A 439 22.47 -2.74 -1.76
C ASP A 439 22.12 -1.27 -1.61
N MET A 440 21.88 -0.58 -2.73
CA MET A 440 21.56 0.85 -2.65
C MET A 440 20.16 1.20 -3.15
N MET A 441 19.33 0.21 -3.49
CA MET A 441 18.00 0.48 -3.97
C MET A 441 16.99 0.56 -2.84
N LEU A 442 15.88 1.23 -3.10
CA LEU A 442 14.82 1.40 -2.12
C LEU A 442 13.99 0.14 -2.02
N HIS A 443 13.88 -0.40 -0.81
CA HIS A 443 13.03 -1.56 -0.53
C HIS A 443 12.03 -1.21 0.57
N PRO A 444 10.76 -0.98 0.25
CA PRO A 444 9.76 -0.79 1.31
C PRO A 444 9.36 -2.13 1.90
N PHE A 445 9.79 -2.39 3.14
CA PHE A 445 9.62 -3.71 3.72
C PHE A 445 8.31 -3.80 4.47
N HIS A 446 7.50 -4.79 4.10
CA HIS A 446 6.15 -4.98 4.60
C HIS A 446 6.05 -6.31 5.35
N ILE A 447 5.30 -6.32 6.45
CA ILE A 447 5.11 -7.51 7.27
C ILE A 447 3.62 -7.74 7.47
N HIS A 448 3.17 -8.97 7.27
CA HIS A 448 1.77 -9.33 7.43
C HIS A 448 1.41 -9.55 8.89
N GLY A 449 0.11 -9.53 9.17
CA GLY A 449 -0.41 -9.87 10.47
C GLY A 449 -0.14 -8.87 11.58
N THR A 450 0.36 -7.68 11.26
CA THR A 450 0.71 -6.75 12.33
C THR A 450 0.65 -5.31 11.86
N GLN A 451 0.47 -4.43 12.84
CA GLN A 451 0.81 -3.02 12.74
C GLN A 451 1.89 -2.77 13.78
N PHE A 452 3.07 -2.37 13.33
CA PHE A 452 4.23 -2.26 14.21
C PHE A 452 4.67 -0.81 14.38
N ARG A 453 5.64 -0.64 15.28
CA ARG A 453 6.26 0.64 15.59
C ARG A 453 7.67 0.65 15.03
N ILE A 454 8.01 1.67 14.27
CA ILE A 454 9.36 1.82 13.75
C ILE A 454 10.26 2.35 14.86
N LEU A 455 11.31 1.62 15.19
CA LEU A 455 12.31 2.11 16.12
C LEU A 455 13.40 2.89 15.41
N SER A 456 13.88 2.33 14.30
CA SER A 456 14.86 2.98 13.44
C SER A 456 14.43 2.75 12.00
N GLU A 457 14.37 3.83 11.22
CA GLU A 457 14.08 3.73 9.79
C GLU A 457 15.35 4.10 9.03
N ASN A 458 15.91 3.12 8.35
CA ASN A 458 17.09 3.33 7.51
C ASN A 458 18.22 4.02 8.27
N GLY A 459 18.35 3.70 9.55
CA GLY A 459 19.44 4.19 10.38
C GLY A 459 19.12 5.34 11.30
N LYS A 460 17.89 5.88 11.26
CA LYS A 460 17.49 7.02 12.06
C LYS A 460 16.13 6.77 12.67
N PRO A 461 15.85 7.35 13.83
CA PRO A 461 14.51 7.26 14.38
C PRO A 461 13.50 7.87 13.45
N PRO A 462 12.26 7.40 13.46
CA PRO A 462 11.29 7.81 12.43
C PRO A 462 10.90 9.28 12.56
N ALA A 463 10.51 9.86 11.43
CA ALA A 463 9.83 11.14 11.45
C ALA A 463 8.54 11.03 12.26
N ALA A 464 8.07 12.19 12.77
CA ALA A 464 6.96 12.18 13.70
C ALA A 464 5.69 11.56 13.09
N HIS A 465 5.38 11.91 11.84
CA HIS A 465 4.21 11.32 11.18
C HIS A 465 4.41 9.87 10.81
N ARG A 466 5.63 9.34 10.93
CA ARG A 466 5.91 7.94 10.68
C ARG A 466 6.24 7.17 11.96
N ALA A 467 5.93 7.74 13.11
CA ALA A 467 6.29 7.16 14.40
C ALA A 467 5.12 6.44 15.08
N GLY A 468 3.94 6.45 14.47
CA GLY A 468 2.82 5.67 14.95
C GLY A 468 2.74 4.26 14.41
N TRP A 469 1.54 3.82 14.01
CA TRP A 469 1.32 2.44 13.60
C TRP A 469 1.62 2.29 12.11
N LYS A 470 2.57 1.42 11.79
CA LYS A 470 3.01 1.20 10.42
C LYS A 470 3.02 -0.30 10.10
N ASP A 471 2.82 -0.61 8.82
CA ASP A 471 3.11 -1.95 8.33
C ASP A 471 4.20 -1.98 7.27
N THR A 472 4.82 -0.83 7.00
CA THR A 472 5.86 -0.71 6.00
C THR A 472 6.98 0.14 6.56
N VAL A 473 8.22 -0.20 6.23
CA VAL A 473 9.36 0.57 6.69
C VAL A 473 10.35 0.67 5.56
N LYS A 474 10.96 1.85 5.42
CA LYS A 474 11.95 2.09 4.38
C LYS A 474 13.27 1.38 4.68
N VAL A 475 13.75 0.60 3.71
CA VAL A 475 15.10 0.02 3.75
C VAL A 475 15.76 0.43 2.45
N GLU A 476 16.79 1.30 2.55
CA GLU A 476 17.47 1.80 1.35
C GLU A 476 18.94 1.99 1.72
N GLY A 477 19.72 0.93 1.52
CA GLY A 477 21.15 1.01 1.78
C GLY A 477 21.56 1.05 3.23
N ASN A 478 20.63 0.80 4.15
CA ASN A 478 20.93 0.92 5.56
C ASN A 478 20.09 -0.10 6.33
N VAL A 479 19.90 0.14 7.62
CA VAL A 479 19.28 -0.83 8.50
C VAL A 479 18.07 -0.21 9.17
N SER A 480 16.96 -0.94 9.19
CA SER A 480 15.77 -0.49 9.89
C SER A 480 15.42 -1.44 11.03
N GLU A 481 14.76 -0.90 12.04
CA GLU A 481 14.42 -1.64 13.24
C GLU A 481 12.96 -1.38 13.55
N VAL A 482 12.16 -2.45 13.63
CA VAL A 482 10.75 -2.30 13.91
C VAL A 482 10.41 -3.13 15.13
N LEU A 483 9.27 -2.82 15.72
CA LEU A 483 8.80 -3.43 16.96
C LEU A 483 7.44 -4.06 16.65
N VAL A 484 7.42 -5.38 16.50
CA VAL A 484 6.26 -6.09 15.93
C VAL A 484 5.61 -6.96 17.00
N LYS A 485 4.28 -7.04 16.94
CA LYS A 485 3.54 -7.96 17.77
C LYS A 485 2.48 -8.64 16.92
N PHE A 486 2.37 -9.97 17.05
CA PHE A 486 1.41 -10.76 16.29
C PHE A 486 0.39 -11.35 17.25
N ASN A 487 -0.88 -11.00 17.06
CA ASN A 487 -1.94 -11.40 17.97
C ASN A 487 -2.69 -12.63 17.50
N HIS A 488 -2.31 -13.22 16.36
CA HIS A 488 -3.11 -14.29 15.76
C HIS A 488 -2.21 -15.39 15.23
N ASP A 489 -2.80 -16.57 15.11
CA ASP A 489 -2.08 -17.75 14.66
C ASP A 489 -1.92 -17.73 13.15
N ALA A 490 -0.83 -18.33 12.69
CA ALA A 490 -0.59 -18.54 11.27
C ALA A 490 0.20 -19.81 11.11
N PRO A 491 -0.46 -20.97 11.02
CA PRO A 491 0.30 -22.24 10.92
C PRO A 491 1.02 -22.36 9.58
N LYS A 492 1.77 -23.45 9.44
CA LYS A 492 2.66 -23.62 8.29
C LYS A 492 1.91 -23.61 6.97
N GLU A 493 0.68 -24.13 6.95
CA GLU A 493 -0.11 -24.14 5.73
C GLU A 493 -0.74 -22.79 5.43
N HIS A 494 -0.74 -21.86 6.40
CA HIS A 494 -1.30 -20.51 6.23
C HIS A 494 -0.33 -19.49 6.82
N ALA A 495 0.90 -19.48 6.31
CA ALA A 495 1.97 -18.73 6.95
C ALA A 495 1.95 -17.26 6.54
N TYR A 496 2.31 -16.41 7.51
CA TYR A 496 2.48 -14.99 7.25
C TYR A 496 3.67 -14.76 6.33
N MET A 497 3.64 -13.63 5.62
CA MET A 497 4.74 -13.20 4.77
C MET A 497 5.39 -11.92 5.31
N ALA A 498 6.67 -11.78 5.05
CA ALA A 498 7.41 -10.53 5.23
C ALA A 498 8.25 -10.34 3.98
N HIS A 499 8.18 -9.16 3.38
CA HIS A 499 8.76 -9.02 2.06
C HIS A 499 8.86 -7.55 1.68
N CYS A 500 9.69 -7.30 0.66
CA CYS A 500 9.71 -6.02 -0.01
C CYS A 500 8.43 -5.82 -0.80
N HIS A 501 7.94 -4.59 -0.85
CA HIS A 501 6.69 -4.29 -1.54
C HIS A 501 6.91 -3.53 -2.85
N LEU A 502 8.17 -3.39 -3.28
CA LEU A 502 8.43 -3.24 -4.70
C LEU A 502 8.10 -4.58 -5.33
N LEU A 503 6.99 -4.65 -6.07
CA LEU A 503 6.36 -5.94 -6.36
C LEU A 503 7.27 -6.86 -7.17
N GLU A 504 8.04 -6.30 -8.10
CA GLU A 504 8.92 -7.13 -8.92
C GLU A 504 10.02 -7.78 -8.09
N HIS A 505 10.48 -7.11 -7.03
CA HIS A 505 11.43 -7.75 -6.11
C HIS A 505 10.76 -8.89 -5.36
N GLU A 506 9.51 -8.71 -4.97
CA GLU A 506 8.78 -9.75 -4.25
C GLU A 506 8.51 -10.95 -5.15
N ASP A 507 8.29 -10.72 -6.45
CA ASP A 507 8.04 -11.81 -7.38
C ASP A 507 9.30 -12.58 -7.76
N THR A 508 10.48 -12.01 -7.52
CA THR A 508 11.74 -12.66 -7.85
C THR A 508 12.51 -13.08 -6.60
N GLY A 509 11.81 -13.32 -5.50
CA GLY A 509 12.35 -14.03 -4.36
C GLY A 509 12.42 -13.27 -3.05
N MET A 510 12.35 -11.93 -3.07
CA MET A 510 12.61 -11.17 -1.85
C MET A 510 11.40 -11.24 -0.92
N MET A 511 11.24 -12.42 -0.30
CA MET A 511 10.11 -12.70 0.56
C MET A 511 10.45 -13.89 1.43
N LEU A 512 9.85 -13.94 2.61
CA LEU A 512 9.96 -15.10 3.49
C LEU A 512 8.62 -15.33 4.15
N GLY A 513 8.36 -16.59 4.51
CA GLY A 513 7.21 -16.94 5.30
C GLY A 513 7.61 -17.16 6.75
N PHE A 514 6.64 -16.99 7.64
CA PHE A 514 6.90 -17.27 9.05
C PHE A 514 5.59 -17.63 9.74
N THR A 515 5.69 -18.43 10.79
CA THR A 515 4.51 -18.94 11.48
C THR A 515 4.39 -18.27 12.84
N VAL A 516 3.17 -18.29 13.36
CA VAL A 516 2.91 -17.75 14.69
C VAL A 516 2.10 -18.76 15.50
CU CU B . 13.11 -4.45 -2.93
CU CU C . 0.34 -5.07 -0.01
CU CU D . 2.38 -9.21 1.42
CU CU E . -7.92 -10.23 16.05
CU CU F . 8.44 13.80 -14.84
CU CU G . -6.30 -24.06 7.20
CU CU H . 9.08 -19.63 -6.19
#